data_9EBK
#
_entry.id   9EBK
#
_cell.length_a   66.510
_cell.length_b   66.510
_cell.length_c   478.694
_cell.angle_alpha   90.000
_cell.angle_beta   90.000
_cell.angle_gamma   120.000
#
_symmetry.space_group_name_H-M   'P 61 2 2'
#
loop_
_entity.id
_entity.type
_entity.pdbx_description
1 polymer 'Piperazate synthase'
2 non-polymer 'PROTOPORPHYRIN IX CONTAINING FE'
3 non-polymer GLYCEROL
4 water water
#
_entity_poly.entity_id   1
_entity_poly.type   'polypeptide(L)'
_entity_poly.pdbx_seq_one_letter_code
;MFVPSYYREPHGSWMAELIRGNPLAMAVINGSTDDGPFATHLPIIPDPRTTGEWPDDLTGANLLGHMNRANPQWQELETG
KVILLAFTGPHAYVSPALYGVTPAAPTWNFTSVHVRGVVEKIESLEETLDVVRATAGSFEARFGDDWDPSDSIDYFRKIV
PGVGAFRVTVTSAHGMFKLSQEQPAEVRDRVQKSFSGRGCSRHRETAELMGRVPQTESLEHHHHHH
;
_entity_poly.pdbx_strand_id   B,A
#
loop_
_chem_comp.id
_chem_comp.type
_chem_comp.name
_chem_comp.formula
GOL non-polymer GLYCEROL 'C3 H8 O3'
HEM non-polymer 'PROTOPORPHYRIN IX CONTAINING FE' 'C34 H32 Fe N4 O4'
#
# COMPACT_ATOMS: atom_id res chain seq x y z
N MET A 1 7.84 -5.38 -12.45
CA MET A 1 7.21 -4.09 -12.20
C MET A 1 7.31 -3.24 -13.46
N PHE A 2 6.19 -2.61 -13.85
CA PHE A 2 6.17 -1.74 -15.03
C PHE A 2 6.50 -0.33 -14.59
N VAL A 3 7.62 0.19 -15.05
CA VAL A 3 8.11 1.50 -14.60
C VAL A 3 8.62 2.27 -15.80
N PRO A 4 7.98 3.38 -16.19
CA PRO A 4 8.55 4.22 -17.25
C PRO A 4 9.96 4.63 -16.86
N SER A 5 10.84 4.71 -17.86
CA SER A 5 12.27 4.82 -17.57
C SER A 5 12.57 5.99 -16.64
N TYR A 6 11.84 7.10 -16.80
CA TYR A 6 12.10 8.31 -16.02
C TYR A 6 11.54 8.27 -14.61
N TYR A 7 10.88 7.18 -14.19
CA TYR A 7 10.43 7.02 -12.82
C TYR A 7 11.21 5.96 -12.05
N ARG A 8 12.21 5.35 -12.66
CA ARG A 8 13.00 4.32 -11.99
C ARG A 8 13.83 4.94 -10.88
N GLU A 9 14.18 4.11 -9.89
CA GLU A 9 15.02 4.58 -8.81
C GLU A 9 16.30 5.17 -9.38
N PRO A 10 16.64 6.42 -9.03
CA PRO A 10 17.92 6.99 -9.50
C PRO A 10 19.12 6.22 -9.03
N HIS A 11 19.01 5.54 -7.88
CA HIS A 11 20.06 4.70 -7.33
C HIS A 11 19.42 3.58 -6.52
N GLY A 12 20.08 2.42 -6.51
CA GLY A 12 19.54 1.27 -5.81
C GLY A 12 19.30 1.53 -4.33
N SER A 13 20.08 2.43 -3.74
CA SER A 13 19.92 2.72 -2.32
C SER A 13 18.56 3.34 -2.01
N TRP A 14 17.94 4.01 -2.98
CA TRP A 14 16.59 4.54 -2.74
C TRP A 14 15.61 3.44 -2.40
N MET A 15 15.78 2.25 -2.99
CA MET A 15 14.85 1.17 -2.68
C MET A 15 15.04 0.69 -1.26
N ALA A 16 16.29 0.44 -0.87
CA ALA A 16 16.58 0.04 0.51
C ALA A 16 16.00 1.06 1.49
N GLU A 17 16.20 2.34 1.19
CA GLU A 17 15.73 3.42 2.04
C GLU A 17 14.22 3.36 2.21
N LEU A 18 13.49 3.18 1.11
CA LEU A 18 12.03 3.15 1.19
C LEU A 18 11.56 1.95 2.02
N ILE A 19 12.11 0.77 1.75
CA ILE A 19 11.72 -0.40 2.52
C ILE A 19 12.00 -0.14 4.00
N ARG A 20 13.15 0.45 4.31
N ARG A 20 13.17 0.44 4.31
CA ARG A 20 13.53 0.66 5.71
CA ARG A 20 13.56 0.71 5.68
C ARG A 20 12.52 1.55 6.43
C ARG A 20 12.51 1.54 6.40
N GLY A 21 12.02 2.60 5.76
CA GLY A 21 11.06 3.48 6.40
C GLY A 21 9.62 3.00 6.32
N ASN A 22 9.33 2.02 5.47
CA ASN A 22 7.96 1.53 5.28
C ASN A 22 7.97 0.01 5.20
N PRO A 23 8.39 -0.67 6.28
CA PRO A 23 8.65 -2.11 6.20
C PRO A 23 7.40 -2.98 6.26
N LEU A 24 6.21 -2.40 6.44
CA LEU A 24 4.98 -3.18 6.42
C LEU A 24 4.63 -3.41 4.96
N ALA A 25 5.07 -4.54 4.45
CA ALA A 25 4.88 -4.85 3.04
C ALA A 25 3.51 -5.46 2.84
N MET A 26 3.06 -5.41 1.60
CA MET A 26 1.99 -6.29 1.18
C MET A 26 2.62 -7.48 0.48
N ALA A 27 2.49 -8.67 1.10
CA ALA A 27 3.11 -9.91 0.63
C ALA A 27 2.08 -10.68 -0.18
N VAL A 28 2.40 -10.95 -1.46
CA VAL A 28 1.43 -11.40 -2.42
C VAL A 28 1.97 -12.64 -3.13
N ILE A 29 1.14 -13.68 -3.24
CA ILE A 29 1.45 -14.85 -4.04
C ILE A 29 0.24 -15.16 -4.89
N ASN A 30 0.47 -15.96 -5.92
CA ASN A 30 -0.64 -16.43 -6.75
C ASN A 30 -1.61 -17.27 -5.94
N GLY A 31 -2.88 -17.22 -6.35
CA GLY A 31 -3.90 -18.10 -5.83
C GLY A 31 -4.55 -18.85 -6.96
N SER A 32 -5.70 -19.46 -6.72
CA SER A 32 -6.41 -20.17 -7.78
C SER A 32 -7.07 -19.17 -8.74
N THR A 33 -7.50 -19.69 -9.90
CA THR A 33 -8.16 -18.83 -10.88
C THR A 33 -9.47 -18.27 -10.32
N ASP A 34 -10.12 -18.99 -9.41
CA ASP A 34 -11.37 -18.53 -8.81
C ASP A 34 -11.15 -17.60 -7.63
N ASP A 35 -10.08 -17.78 -6.87
CA ASP A 35 -9.85 -16.96 -5.68
C ASP A 35 -9.08 -15.68 -5.98
N GLY A 36 -8.22 -15.69 -6.98
CA GLY A 36 -7.30 -14.61 -7.20
C GLY A 36 -6.11 -14.73 -6.28
N PRO A 37 -5.17 -13.80 -6.38
CA PRO A 37 -3.95 -13.91 -5.57
C PRO A 37 -4.22 -13.69 -4.09
N PHE A 38 -3.34 -14.27 -3.26
CA PHE A 38 -3.32 -14.01 -1.82
C PHE A 38 -2.55 -12.73 -1.49
N ALA A 39 -3.02 -11.98 -0.51
CA ALA A 39 -2.28 -10.78 -0.11
C ALA A 39 -2.41 -10.57 1.38
N THR A 40 -1.27 -10.31 2.05
CA THR A 40 -1.27 -10.09 3.48
C THR A 40 -0.30 -8.95 3.80
N HIS A 41 -0.72 -8.01 4.65
CA HIS A 41 0.20 -6.99 5.14
C HIS A 41 1.01 -7.52 6.32
N LEU A 42 2.34 -7.47 6.23
CA LEU A 42 3.19 -8.05 7.26
C LEU A 42 4.54 -7.34 7.25
N PRO A 43 5.29 -7.40 8.36
CA PRO A 43 6.58 -6.69 8.46
C PRO A 43 7.75 -7.50 7.93
N ILE A 44 8.65 -6.80 7.22
CA ILE A 44 9.80 -7.41 6.56
C ILE A 44 11.08 -6.79 7.15
N ILE A 45 12.05 -7.63 7.49
CA ILE A 45 13.39 -7.17 7.86
C ILE A 45 14.43 -7.91 7.03
N PRO A 46 15.63 -7.34 6.89
CA PRO A 46 16.77 -8.12 6.37
C PRO A 46 17.18 -9.23 7.32
N ASP A 47 17.63 -10.33 6.76
CA ASP A 47 18.08 -11.40 7.61
C ASP A 47 19.36 -10.95 8.31
N PRO A 48 19.39 -10.88 9.64
CA PRO A 48 20.58 -10.37 10.32
C PRO A 48 21.79 -11.24 10.12
N ARG A 49 21.61 -12.56 10.00
CA ARG A 49 22.75 -13.45 9.83
C ARG A 49 23.48 -13.22 8.51
N THR A 50 22.76 -12.81 7.46
CA THR A 50 23.40 -12.61 6.16
C THR A 50 23.39 -11.14 5.83
N THR A 51 22.31 -10.62 5.21
CA THR A 51 22.22 -9.22 4.79
C THR A 51 22.41 -8.25 5.95
N GLY A 52 21.80 -8.53 7.10
CA GLY A 52 21.99 -7.71 8.28
C GLY A 52 21.31 -6.35 8.27
N GLU A 53 21.67 -5.50 7.31
CA GLU A 53 21.08 -4.18 7.17
C GLU A 53 20.84 -3.96 5.68
N TRP A 54 20.27 -2.82 5.31
CA TRP A 54 19.77 -2.70 3.95
C TRP A 54 20.87 -2.29 2.98
N PRO A 55 21.11 -3.08 1.92
CA PRO A 55 22.14 -2.74 0.92
C PRO A 55 21.59 -2.07 -0.32
N ASP A 56 22.38 -1.22 -0.97
CA ASP A 56 21.96 -0.60 -2.21
C ASP A 56 21.38 -1.63 -3.17
N ASP A 57 22.09 -2.74 -3.36
CA ASP A 57 21.69 -3.81 -4.27
C ASP A 57 21.04 -4.93 -3.47
N LEU A 58 19.76 -5.16 -3.73
CA LEU A 58 19.00 -6.19 -3.03
C LEU A 58 18.98 -7.53 -3.73
N THR A 59 19.61 -7.67 -4.90
CA THR A 59 19.56 -8.95 -5.59
C THR A 59 20.34 -9.98 -4.78
N GLY A 60 19.72 -11.12 -4.50
CA GLY A 60 20.33 -12.14 -3.67
C GLY A 60 20.28 -11.85 -2.19
N ALA A 61 19.70 -10.72 -1.77
CA ALA A 61 19.56 -10.46 -0.35
C ALA A 61 18.55 -11.42 0.25
N ASN A 62 18.66 -11.61 1.55
CA ASN A 62 17.74 -12.45 2.29
C ASN A 62 16.92 -11.57 3.20
N LEU A 63 15.60 -11.63 3.04
CA LEU A 63 14.64 -10.93 3.88
C LEU A 63 13.87 -11.95 4.71
N LEU A 64 13.28 -11.48 5.80
CA LEU A 64 12.42 -12.31 6.63
C LEU A 64 11.15 -11.58 6.97
N GLY A 65 10.07 -12.36 7.09
CA GLY A 65 8.78 -11.85 7.47
C GLY A 65 8.04 -12.85 8.31
N HIS A 66 6.87 -12.45 8.78
CA HIS A 66 6.00 -13.45 9.38
C HIS A 66 4.56 -13.02 9.24
N MET A 67 3.68 -14.01 9.34
CA MET A 67 2.24 -13.86 9.29
C MET A 67 1.65 -14.85 10.30
N ASN A 68 0.32 -14.83 10.39
CA ASN A 68 -0.40 -15.74 11.28
C ASN A 68 -0.50 -17.09 10.58
N ARG A 69 -0.20 -18.17 11.30
CA ARG A 69 -0.27 -19.47 10.63
C ARG A 69 -1.70 -19.87 10.33
N ALA A 70 -2.68 -19.28 11.03
CA ALA A 70 -4.06 -19.55 10.69
C ALA A 70 -4.48 -18.85 9.41
N ASN A 71 -3.62 -18.02 8.84
CA ASN A 71 -3.96 -17.23 7.66
C ASN A 71 -3.87 -18.14 6.46
N PRO A 72 -4.91 -18.24 5.63
CA PRO A 72 -4.87 -19.22 4.53
C PRO A 72 -3.64 -19.06 3.65
N GLN A 73 -3.10 -17.84 3.54
CA GLN A 73 -1.89 -17.65 2.75
C GLN A 73 -0.72 -18.46 3.27
N TRP A 74 -0.68 -18.75 4.58
CA TRP A 74 0.43 -19.54 5.09
C TRP A 74 0.41 -20.96 4.50
N GLN A 75 -0.78 -21.57 4.36
CA GLN A 75 -0.87 -22.93 3.82
C GLN A 75 -0.36 -23.00 2.39
N GLU A 76 -0.55 -21.93 1.59
CA GLU A 76 -0.16 -21.96 0.19
C GLU A 76 1.30 -21.56 0.00
N LEU A 77 1.96 -21.08 1.05
CA LEU A 77 3.33 -20.58 0.99
C LEU A 77 4.35 -21.73 1.01
N GLU A 78 4.33 -22.54 -0.03
CA GLU A 78 5.28 -23.63 -0.11
C GLU A 78 6.71 -23.11 -0.30
N THR A 79 7.65 -23.75 0.38
CA THR A 79 9.06 -23.42 0.17
C THR A 79 9.43 -23.60 -1.29
N GLY A 80 10.12 -22.62 -1.85
CA GLY A 80 10.38 -22.62 -3.27
C GLY A 80 9.38 -21.84 -4.11
N LYS A 81 8.29 -21.36 -3.53
CA LYS A 81 7.31 -20.55 -4.25
C LYS A 81 7.79 -19.12 -4.41
N VAL A 82 7.41 -18.48 -5.53
CA VAL A 82 7.74 -17.07 -5.71
C VAL A 82 6.73 -16.18 -4.98
N ILE A 83 7.23 -15.07 -4.46
CA ILE A 83 6.42 -14.14 -3.69
C ILE A 83 6.77 -12.75 -4.16
N LEU A 84 5.80 -11.83 -4.04
CA LEU A 84 5.99 -10.41 -4.28
C LEU A 84 5.80 -9.69 -2.95
N LEU A 85 6.72 -8.78 -2.64
CA LEU A 85 6.56 -7.90 -1.50
C LEU A 85 6.53 -6.46 -2.01
N ALA A 86 5.42 -5.77 -1.77
CA ALA A 86 5.22 -4.43 -2.30
C ALA A 86 5.29 -3.45 -1.12
N PHE A 87 6.25 -2.53 -1.17
CA PHE A 87 6.41 -1.49 -0.16
C PHE A 87 6.01 -0.17 -0.78
N THR A 88 5.25 0.64 -0.04
CA THR A 88 4.82 1.94 -0.52
C THR A 88 5.34 3.01 0.41
N GLY A 89 5.76 4.14 -0.18
CA GLY A 89 6.21 5.27 0.59
C GLY A 89 5.30 6.47 0.41
N PRO A 90 5.85 7.67 0.56
CA PRO A 90 5.02 8.87 0.45
C PRO A 90 4.43 9.02 -0.94
N HIS A 91 3.33 9.77 -1.01
CA HIS A 91 2.56 9.96 -2.22
C HIS A 91 1.63 11.15 -2.03
N ALA A 92 1.21 11.77 -3.15
CA ALA A 92 0.28 12.88 -3.07
C ALA A 92 -0.29 13.22 -4.45
N TYR A 93 -1.58 13.55 -4.49
CA TYR A 93 -2.23 14.00 -5.71
C TYR A 93 -1.62 15.31 -6.21
N VAL A 94 -1.44 15.41 -7.53
CA VAL A 94 -0.89 16.62 -8.13
C VAL A 94 -2.00 17.30 -8.93
N SER A 95 -2.44 18.46 -8.45
CA SER A 95 -3.42 19.24 -9.19
C SER A 95 -2.74 19.98 -10.33
N PRO A 96 -3.30 19.95 -11.54
CA PRO A 96 -2.76 20.78 -12.63
C PRO A 96 -2.78 22.25 -12.33
N ALA A 97 -3.57 22.72 -11.36
CA ALA A 97 -3.53 24.13 -11.01
C ALA A 97 -2.14 24.56 -10.57
N LEU A 98 -1.31 23.62 -10.10
CA LEU A 98 0.05 23.99 -9.75
C LEU A 98 0.97 24.10 -10.95
N TYR A 99 0.56 23.54 -12.09
CA TYR A 99 1.43 23.50 -13.26
C TYR A 99 1.59 24.89 -13.86
N GLY A 100 0.52 25.68 -13.85
CA GLY A 100 0.52 26.93 -14.59
C GLY A 100 0.65 26.73 -16.08
N VAL A 101 0.19 25.59 -16.58
CA VAL A 101 0.32 25.25 -17.99
C VAL A 101 -1.02 24.66 -18.45
N THR A 102 -1.45 25.06 -19.63
CA THR A 102 -2.65 24.52 -20.24
C THR A 102 -2.29 24.07 -21.65
N PRO A 103 -2.79 22.92 -22.10
CA PRO A 103 -3.60 21.99 -21.32
C PRO A 103 -2.72 21.04 -20.51
N ALA A 104 -3.35 20.25 -19.65
CA ALA A 104 -2.64 19.31 -18.79
C ALA A 104 -3.65 18.30 -18.26
N ALA A 105 -3.14 17.27 -17.60
CA ALA A 105 -3.95 16.29 -16.91
C ALA A 105 -3.42 16.13 -15.50
N PRO A 106 -4.28 15.80 -14.54
CA PRO A 106 -3.80 15.55 -13.18
C PRO A 106 -3.05 14.22 -13.13
N THR A 107 -2.37 14.01 -12.00
CA THR A 107 -1.65 12.77 -11.76
C THR A 107 -1.47 12.60 -10.24
N TRP A 108 -0.86 11.49 -9.87
CA TRP A 108 -0.58 11.18 -8.47
C TRP A 108 0.90 10.87 -8.37
N ASN A 109 1.62 11.63 -7.57
CA ASN A 109 3.01 11.29 -7.33
C ASN A 109 3.06 10.23 -6.22
N PHE A 110 3.90 9.22 -6.43
CA PHE A 110 3.93 8.14 -5.45
C PHE A 110 5.24 7.37 -5.57
N THR A 111 5.50 6.56 -4.56
CA THR A 111 6.71 5.78 -4.45
C THR A 111 6.37 4.35 -4.05
N SER A 112 7.03 3.40 -4.69
CA SER A 112 6.72 2.00 -4.49
C SER A 112 7.96 1.20 -4.84
N VAL A 113 8.24 0.15 -4.07
CA VAL A 113 9.29 -0.82 -4.37
C VAL A 113 8.66 -2.22 -4.41
N HIS A 114 8.82 -2.90 -5.53
CA HIS A 114 8.38 -4.29 -5.64
C HIS A 114 9.60 -5.21 -5.56
N VAL A 115 9.60 -6.07 -4.55
CA VAL A 115 10.62 -7.09 -4.39
C VAL A 115 9.99 -8.44 -4.69
N ARG A 116 10.62 -9.19 -5.59
CA ARG A 116 10.24 -10.56 -5.88
C ARG A 116 11.37 -11.49 -5.43
N GLY A 117 11.00 -12.68 -4.99
CA GLY A 117 12.00 -13.65 -4.58
C GLY A 117 11.40 -15.01 -4.34
N VAL A 118 12.22 -15.91 -3.79
CA VAL A 118 11.85 -17.29 -3.54
C VAL A 118 11.63 -17.51 -2.05
N VAL A 119 10.52 -18.14 -1.70
CA VAL A 119 10.11 -18.33 -0.32
C VAL A 119 10.76 -19.56 0.27
N GLU A 120 11.20 -19.46 1.52
CA GLU A 120 11.54 -20.65 2.29
C GLU A 120 10.85 -20.55 3.65
N LYS A 121 9.98 -21.51 3.93
CA LYS A 121 9.29 -21.54 5.21
C LYS A 121 10.28 -21.86 6.33
N ILE A 122 10.16 -21.16 7.46
CA ILE A 122 10.95 -21.45 8.64
C ILE A 122 10.10 -22.29 9.58
N GLU A 123 10.61 -23.46 9.97
CA GLU A 123 9.84 -24.32 10.85
C GLU A 123 10.35 -24.39 12.28
N SER A 124 11.64 -24.18 12.52
CA SER A 124 12.14 -24.22 13.89
C SER A 124 11.48 -23.14 14.72
N LEU A 125 11.06 -23.49 15.93
CA LEU A 125 10.42 -22.54 16.81
C LEU A 125 11.41 -21.49 17.29
N GLU A 126 12.66 -21.91 17.55
CA GLU A 126 13.69 -20.97 17.99
C GLU A 126 14.03 -19.99 16.88
N GLU A 127 14.17 -20.50 15.66
CA GLU A 127 14.42 -19.63 14.53
C GLU A 127 13.25 -18.70 14.28
N THR A 128 12.02 -19.22 14.45
CA THR A 128 10.84 -18.36 14.34
C THR A 128 10.86 -17.28 15.40
N LEU A 129 11.23 -17.67 16.62
CA LEU A 129 11.34 -16.71 17.70
C LEU A 129 12.45 -15.70 17.40
N ASP A 130 13.57 -16.17 16.84
CA ASP A 130 14.61 -15.25 16.40
C ASP A 130 14.08 -14.22 15.42
N VAL A 131 13.21 -14.64 14.49
CA VAL A 131 12.71 -13.70 13.47
C VAL A 131 11.93 -12.58 14.13
N VAL A 132 10.97 -12.93 14.99
CA VAL A 132 10.09 -11.91 15.54
C VAL A 132 10.87 -11.02 16.51
N ARG A 133 11.84 -11.58 17.23
CA ARG A 133 12.62 -10.76 18.15
C ARG A 133 13.46 -9.75 17.39
N ALA A 134 14.04 -10.17 16.26
CA ALA A 134 14.80 -9.25 15.45
C ALA A 134 13.91 -8.19 14.81
N THR A 135 12.68 -8.56 14.43
CA THR A 135 11.75 -7.58 13.88
C THR A 135 11.35 -6.54 14.92
N ALA A 136 10.93 -7.00 16.12
CA ALA A 136 10.54 -6.09 17.19
C ALA A 136 11.69 -5.18 17.60
N GLY A 137 12.89 -5.74 17.75
CA GLY A 137 14.01 -4.94 18.17
C GLY A 137 14.43 -3.92 17.12
N SER A 138 14.43 -4.33 15.86
CA SER A 138 14.80 -3.40 14.81
C SER A 138 13.78 -2.27 14.71
N PHE A 139 12.49 -2.60 14.71
CA PHE A 139 11.45 -1.58 14.56
C PHE A 139 11.44 -0.63 15.76
N GLU A 140 11.64 -1.16 16.96
CA GLU A 140 11.58 -0.33 18.15
C GLU A 140 12.67 0.75 18.12
N ALA A 141 13.87 0.38 17.65
CA ALA A 141 14.95 1.34 17.54
C ALA A 141 14.63 2.42 16.50
N ARG A 142 14.03 2.01 15.39
CA ARG A 142 13.77 2.92 14.29
C ARG A 142 12.55 3.81 14.55
N PHE A 143 11.47 3.23 15.09
CA PHE A 143 10.20 3.91 15.16
C PHE A 143 9.65 4.10 16.58
N GLY A 144 10.24 3.49 17.59
CA GLY A 144 9.62 3.40 18.91
C GLY A 144 10.16 4.40 19.90
N ASP A 145 10.27 3.97 21.15
CA ASP A 145 10.65 4.86 22.25
C ASP A 145 11.39 4.07 23.32
N ASP A 146 12.44 3.33 22.90
CA ASP A 146 13.37 2.68 23.82
C ASP A 146 12.69 1.66 24.74
N TRP A 147 11.75 0.89 24.21
CA TRP A 147 11.12 -0.16 24.98
C TRP A 147 12.04 -1.38 25.05
N ASP A 148 12.09 -2.00 26.23
CA ASP A 148 12.98 -3.11 26.52
C ASP A 148 12.15 -4.38 26.55
N PRO A 149 12.39 -5.33 25.63
CA PRO A 149 11.57 -6.56 25.60
C PRO A 149 11.88 -7.57 26.70
N SER A 150 12.93 -7.35 27.51
CA SER A 150 13.48 -8.42 28.34
C SER A 150 12.42 -9.10 29.19
N ASP A 151 11.52 -8.33 29.78
CA ASP A 151 10.47 -8.89 30.62
C ASP A 151 9.36 -9.55 29.80
N SER A 152 9.40 -9.44 28.49
CA SER A 152 8.36 -10.01 27.63
C SER A 152 8.87 -11.15 26.76
N ILE A 153 10.14 -11.55 26.91
CA ILE A 153 10.68 -12.66 26.12
C ILE A 153 9.93 -13.95 26.43
N ASP A 154 9.55 -14.16 27.68
CA ASP A 154 8.74 -15.34 27.98
C ASP A 154 7.35 -15.24 27.36
N TYR A 155 6.81 -14.03 27.26
CA TYR A 155 5.55 -13.84 26.57
C TYR A 155 5.66 -14.22 25.10
N PHE A 156 6.80 -13.91 24.47
CA PHE A 156 7.00 -14.26 23.07
C PHE A 156 6.94 -15.78 22.86
N ARG A 157 7.62 -16.55 23.75
CA ARG A 157 7.61 -18.01 23.61
C ARG A 157 6.20 -18.55 23.68
N LYS A 158 5.39 -17.95 24.55
CA LYS A 158 4.01 -18.37 24.73
C LYS A 158 3.23 -18.27 23.43
N ILE A 159 3.39 -17.18 22.69
CA ILE A 159 2.59 -16.96 21.49
C ILE A 159 3.30 -17.35 20.20
N VAL A 160 4.60 -17.65 20.23
CA VAL A 160 5.33 -17.83 18.98
C VAL A 160 4.91 -19.06 18.16
N PRO A 161 4.32 -20.12 18.74
CA PRO A 161 3.81 -21.20 17.86
C PRO A 161 2.83 -20.71 16.81
N GLY A 162 2.14 -19.60 17.06
CA GLY A 162 1.23 -19.10 16.07
C GLY A 162 1.89 -18.36 14.93
N VAL A 163 3.16 -18.04 15.06
CA VAL A 163 3.87 -17.26 14.05
C VAL A 163 4.26 -18.17 12.89
N GLY A 164 3.92 -17.74 11.69
CA GLY A 164 4.47 -18.35 10.50
C GLY A 164 5.57 -17.49 9.93
N ALA A 165 6.81 -17.79 10.25
CA ALA A 165 7.92 -16.98 9.78
C ALA A 165 8.48 -17.58 8.48
N PHE A 166 9.06 -16.71 7.64
CA PHE A 166 9.57 -17.18 6.36
C PHE A 166 10.71 -16.30 5.88
N ARG A 167 11.53 -16.85 5.00
CA ARG A 167 12.65 -16.14 4.43
C ARG A 167 12.42 -15.96 2.93
N VAL A 168 12.78 -14.79 2.40
CA VAL A 168 12.70 -14.55 0.97
C VAL A 168 14.11 -14.30 0.46
N THR A 169 14.57 -15.13 -0.48
CA THR A 169 15.79 -14.84 -1.20
C THR A 169 15.42 -14.03 -2.44
N VAL A 170 15.94 -12.81 -2.52
CA VAL A 170 15.44 -11.82 -3.48
C VAL A 170 16.00 -12.13 -4.86
N THR A 171 15.12 -12.16 -5.86
CA THR A 171 15.54 -12.30 -7.24
C THR A 171 15.51 -10.99 -8.02
N SER A 172 14.64 -10.05 -7.63
CA SER A 172 14.68 -8.74 -8.27
C SER A 172 14.03 -7.73 -7.33
N ALA A 173 14.45 -6.47 -7.48
CA ALA A 173 13.90 -5.34 -6.77
C ALA A 173 13.79 -4.20 -7.75
N HIS A 174 12.63 -3.54 -7.81
CA HIS A 174 12.42 -2.41 -8.72
C HIS A 174 11.67 -1.30 -8.00
N GLY A 175 12.06 -0.06 -8.27
CA GLY A 175 11.44 1.11 -7.66
C GLY A 175 10.63 1.92 -8.65
N MET A 176 9.47 2.41 -8.20
CA MET A 176 8.65 3.37 -8.95
C MET A 176 8.75 4.65 -8.14
N PHE A 177 9.49 5.63 -8.64
CA PHE A 177 9.57 6.91 -7.93
C PHE A 177 8.95 7.96 -8.83
N LYS A 178 7.62 8.05 -8.76
CA LYS A 178 6.84 8.91 -9.64
C LYS A 178 6.78 10.30 -9.00
N LEU A 179 7.65 11.21 -9.47
CA LEU A 179 7.79 12.51 -8.81
C LEU A 179 7.91 13.63 -9.83
N SER A 180 7.00 13.63 -10.80
CA SER A 180 6.86 14.71 -11.78
C SER A 180 8.10 14.89 -12.66
N GLN A 181 8.95 13.86 -12.77
CA GLN A 181 10.10 13.96 -13.65
C GLN A 181 9.71 14.18 -15.10
N GLU A 182 8.45 13.87 -15.47
CA GLU A 182 8.00 14.20 -16.81
C GLU A 182 7.83 15.71 -17.03
N GLN A 183 7.77 16.49 -15.93
CA GLN A 183 7.47 17.93 -16.05
C GLN A 183 8.75 18.75 -16.13
N PRO A 184 8.66 19.95 -16.69
CA PRO A 184 9.83 20.85 -16.70
C PRO A 184 10.21 21.27 -15.29
N ALA A 185 11.48 21.68 -15.16
CA ALA A 185 12.06 21.98 -13.86
C ALA A 185 11.25 23.02 -13.09
N GLU A 186 10.84 24.10 -13.76
CA GLU A 186 10.06 25.13 -13.10
C GLU A 186 8.74 24.57 -12.57
N VAL A 187 8.15 23.64 -13.30
CA VAL A 187 6.88 23.03 -12.87
C VAL A 187 7.13 22.12 -11.67
N ARG A 188 8.21 21.35 -11.70
CA ARG A 188 8.50 20.46 -10.58
C ARG A 188 8.76 21.25 -9.31
N ASP A 189 9.48 22.38 -9.43
CA ASP A 189 9.73 23.24 -8.27
C ASP A 189 8.44 23.76 -7.67
N ARG A 190 7.45 24.00 -8.53
CA ARG A 190 6.26 24.72 -8.13
C ARG A 190 5.34 23.73 -7.37
N VAL A 191 5.23 22.52 -7.91
CA VAL A 191 4.57 21.40 -7.22
C VAL A 191 5.26 21.07 -5.90
N GLN A 192 6.60 20.96 -5.92
CA GLN A 192 7.34 20.64 -4.70
C GLN A 192 7.18 21.74 -3.66
N LYS A 193 7.30 23.00 -4.07
CA LYS A 193 7.06 24.10 -3.14
C LYS A 193 5.69 24.00 -2.49
N SER A 194 4.67 23.72 -3.30
CA SER A 194 3.33 23.60 -2.75
C SER A 194 3.25 22.43 -1.77
N PHE A 195 3.95 21.34 -2.05
CA PHE A 195 3.90 20.19 -1.16
C PHE A 195 4.61 20.48 0.16
N SER A 196 5.61 21.37 0.15
CA SER A 196 6.31 21.69 1.39
C SER A 196 5.42 22.46 2.36
N GLY A 197 4.62 23.39 1.84
CA GLY A 197 3.76 24.22 2.65
C GLY A 197 2.45 23.60 3.13
N ARG A 198 2.10 22.39 2.66
CA ARG A 198 0.78 21.81 2.98
C ARG A 198 0.59 21.57 4.48
N GLY A 199 1.63 21.18 5.21
CA GLY A 199 1.50 20.84 6.61
C GLY A 199 1.14 19.39 6.89
N CYS A 200 0.60 18.67 5.92
CA CYS A 200 0.52 17.22 6.02
C CYS A 200 1.90 16.65 5.70
N SER A 201 2.46 15.88 6.63
CA SER A 201 3.85 15.44 6.47
C SER A 201 4.01 14.57 5.23
N ARG A 202 3.02 13.74 4.91
CA ARG A 202 3.07 12.93 3.69
C ARG A 202 3.36 13.78 2.46
N HIS A 203 2.76 14.97 2.38
CA HIS A 203 3.07 15.88 1.28
C HIS A 203 4.51 16.40 1.38
N ARG A 204 4.96 16.74 2.60
CA ARG A 204 6.34 17.18 2.79
C ARG A 204 7.31 16.09 2.39
N GLU A 205 7.05 14.85 2.81
CA GLU A 205 7.89 13.71 2.42
C GLU A 205 7.99 13.58 0.91
N THR A 206 6.85 13.72 0.22
CA THR A 206 6.88 13.68 -1.24
C THR A 206 7.71 14.84 -1.80
N ALA A 207 7.56 16.04 -1.23
CA ALA A 207 8.35 17.18 -1.68
C ALA A 207 9.84 16.95 -1.50
N GLU A 208 10.23 16.38 -0.35
CA GLU A 208 11.64 16.09 -0.11
C GLU A 208 12.20 15.13 -1.16
N LEU A 209 11.40 14.13 -1.54
CA LEU A 209 11.87 13.23 -2.61
C LEU A 209 11.94 13.92 -3.96
N MET A 210 10.96 14.78 -4.31
CA MET A 210 11.08 15.46 -5.58
C MET A 210 12.32 16.34 -5.66
N GLY A 211 12.75 16.90 -4.53
CA GLY A 211 13.94 17.74 -4.52
C GLY A 211 15.24 17.00 -4.80
N ARG A 212 15.23 15.66 -4.69
CA ARG A 212 16.43 14.84 -4.84
C ARG A 212 16.66 14.38 -6.27
N VAL A 213 15.74 14.65 -7.19
CA VAL A 213 15.90 14.33 -8.60
C VAL A 213 16.38 15.59 -9.32
N PRO A 214 17.49 15.52 -10.07
CA PRO A 214 18.10 16.70 -10.74
C PRO A 214 17.23 17.38 -11.79
N GLU A 220 10.30 12.20 -21.78
CA GLU A 220 9.29 11.82 -20.79
C GLU A 220 7.89 12.26 -21.25
N HIS A 221 6.91 11.34 -21.19
CA HIS A 221 5.62 11.57 -21.83
C HIS A 221 4.49 10.85 -21.08
N HIS A 222 4.51 10.88 -19.75
CA HIS A 222 3.36 10.42 -18.96
C HIS A 222 2.32 11.54 -18.92
N HIS A 223 1.11 11.23 -19.39
CA HIS A 223 0.04 12.21 -19.53
C HIS A 223 0.41 13.34 -20.50
N HIS A 224 1.38 13.05 -21.39
CA HIS A 224 1.86 13.99 -22.41
C HIS A 224 1.48 13.45 -23.78
N MET B 1 -9.32 -12.17 2.22
CA MET B 1 -8.52 -11.42 3.19
C MET B 1 -8.68 -12.02 4.59
N PHE B 2 -7.56 -12.24 5.27
CA PHE B 2 -7.59 -12.79 6.62
C PHE B 2 -7.62 -11.64 7.61
N VAL B 3 -8.74 -11.51 8.33
CA VAL B 3 -8.96 -10.38 9.24
C VAL B 3 -9.49 -10.95 10.57
N PRO B 4 -8.77 -10.82 11.68
CA PRO B 4 -9.35 -11.19 12.98
C PRO B 4 -10.59 -10.34 13.24
N SER B 5 -11.59 -10.96 13.88
CA SER B 5 -12.90 -10.33 13.99
C SER B 5 -12.83 -8.95 14.63
N TYR B 6 -11.93 -8.75 15.60
CA TYR B 6 -11.86 -7.45 16.26
C TYR B 6 -11.12 -6.39 15.44
N TYR B 7 -10.61 -6.72 14.25
CA TYR B 7 -10.03 -5.73 13.34
C TYR B 7 -10.87 -5.50 12.10
N ARG B 8 -12.06 -6.11 12.01
CA ARG B 8 -12.87 -5.86 10.83
C ARG B 8 -13.41 -4.42 10.85
N GLU B 9 -13.79 -3.94 9.66
CA GLU B 9 -14.34 -2.60 9.57
C GLU B 9 -15.47 -2.41 10.59
N PRO B 10 -15.41 -1.37 11.42
CA PRO B 10 -16.50 -1.14 12.39
C PRO B 10 -17.85 -0.93 11.74
N HIS B 11 -17.88 -0.45 10.52
CA HIS B 11 -19.13 -0.34 9.77
C HIS B 11 -18.69 -0.33 8.31
N GLY B 12 -19.55 -0.84 7.44
CA GLY B 12 -19.16 -0.96 6.05
C GLY B 12 -18.74 0.35 5.41
N SER B 13 -19.30 1.47 5.89
CA SER B 13 -18.96 2.77 5.30
C SER B 13 -17.50 3.13 5.51
N TRP B 14 -16.84 2.55 6.53
CA TRP B 14 -15.41 2.82 6.70
C TRP B 14 -14.62 2.36 5.48
N MET B 15 -15.07 1.29 4.82
CA MET B 15 -14.39 0.83 3.62
C MET B 15 -14.57 1.85 2.51
N ALA B 16 -15.79 2.34 2.34
CA ALA B 16 -16.05 3.41 1.36
C ALA B 16 -15.17 4.61 1.65
N GLU B 17 -15.14 5.04 2.92
CA GLU B 17 -14.35 6.22 3.28
C GLU B 17 -12.88 6.03 2.93
N LEU B 18 -12.33 4.86 3.27
CA LEU B 18 -10.91 4.61 3.02
C LEU B 18 -10.61 4.55 1.52
N ILE B 19 -11.43 3.83 0.76
CA ILE B 19 -11.28 3.76 -0.69
C ILE B 19 -11.32 5.16 -1.32
N ARG B 20 -12.25 6.00 -0.86
CA ARG B 20 -12.36 7.34 -1.45
C ARG B 20 -11.21 8.24 -1.02
N GLY B 21 -10.69 8.03 0.18
CA GLY B 21 -9.62 8.91 0.64
C GLY B 21 -8.25 8.46 0.20
N ASN B 22 -8.14 7.23 -0.27
CA ASN B 22 -6.85 6.65 -0.68
C ASN B 22 -7.07 5.85 -1.95
N PRO B 23 -7.47 6.52 -3.03
CA PRO B 23 -7.93 5.81 -4.23
C PRO B 23 -6.81 5.25 -5.09
N LEU B 24 -5.54 5.48 -4.76
CA LEU B 24 -4.47 4.90 -5.56
C LEU B 24 -4.24 3.48 -5.04
N ALA B 25 -4.89 2.51 -5.67
CA ALA B 25 -4.90 1.11 -5.28
C ALA B 25 -3.70 0.36 -5.84
N MET B 26 -3.39 -0.77 -5.22
CA MET B 26 -2.59 -1.78 -5.90
C MET B 26 -3.53 -2.82 -6.49
N ALA B 27 -3.49 -2.93 -7.82
CA ALA B 27 -4.34 -3.84 -8.58
C ALA B 27 -3.53 -5.09 -8.88
N VAL B 28 -4.00 -6.24 -8.40
CA VAL B 28 -3.20 -7.45 -8.38
C VAL B 28 -4.00 -8.56 -9.06
N ILE B 29 -3.37 -9.27 -10.01
CA ILE B 29 -3.95 -10.46 -10.62
C ILE B 29 -2.91 -11.58 -10.58
N ASN B 30 -3.39 -12.82 -10.70
CA ASN B 30 -2.47 -13.95 -10.77
C ASN B 30 -1.57 -13.80 -11.99
N GLY B 31 -0.32 -14.26 -11.84
CA GLY B 31 0.61 -14.37 -12.95
C GLY B 31 1.09 -15.81 -13.07
N SER B 32 2.17 -16.04 -13.80
CA SER B 32 2.65 -17.41 -13.94
C SER B 32 3.29 -17.90 -12.65
N THR B 33 3.45 -19.23 -12.57
CA THR B 33 4.03 -19.84 -11.37
C THR B 33 5.47 -19.36 -11.15
N ASP B 34 6.20 -19.05 -12.23
CA ASP B 34 7.56 -18.56 -12.14
C ASP B 34 7.65 -17.04 -11.97
N ASP B 35 6.66 -16.28 -12.47
CA ASP B 35 6.71 -14.82 -12.38
C ASP B 35 6.08 -14.25 -11.11
N GLY B 36 5.13 -14.97 -10.52
CA GLY B 36 4.37 -14.43 -9.43
C GLY B 36 3.30 -13.50 -9.95
N PRO B 37 2.54 -12.90 -9.04
CA PRO B 37 1.39 -12.08 -9.46
C PRO B 37 1.80 -10.76 -10.10
N PHE B 38 0.91 -10.22 -10.93
CA PHE B 38 1.04 -8.85 -11.42
C PHE B 38 0.54 -7.89 -10.37
N ALA B 39 1.21 -6.74 -10.25
CA ALA B 39 0.73 -5.65 -9.40
C ALA B 39 1.06 -4.31 -10.05
N THR B 40 0.06 -3.43 -10.10
CA THR B 40 0.20 -2.08 -10.63
C THR B 40 -0.53 -1.13 -9.70
N HIS B 41 0.11 -0.01 -9.36
CA HIS B 41 -0.55 1.07 -8.64
C HIS B 41 -1.29 1.97 -9.61
N LEU B 42 -2.62 2.11 -9.44
CA LEU B 42 -3.42 2.82 -10.42
C LEU B 42 -4.62 3.43 -9.71
N PRO B 43 -5.20 4.49 -10.28
CA PRO B 43 -6.30 5.17 -9.59
C PRO B 43 -7.62 4.47 -9.83
N ILE B 44 -8.40 4.33 -8.76
CA ILE B 44 -9.69 3.65 -8.80
C ILE B 44 -10.75 4.64 -8.34
N ILE B 45 -11.88 4.72 -9.06
CA ILE B 45 -13.02 5.46 -8.56
C ILE B 45 -14.23 4.53 -8.57
N PRO B 46 -15.22 4.82 -7.73
CA PRO B 46 -16.51 4.15 -7.90
C PRO B 46 -17.12 4.57 -9.21
N ASP B 47 -17.80 3.64 -9.85
CA ASP B 47 -18.54 3.97 -11.06
C ASP B 47 -19.67 4.89 -10.65
N PRO B 48 -19.82 6.07 -11.27
CA PRO B 48 -20.85 7.01 -10.81
C PRO B 48 -22.25 6.41 -10.82
N ARG B 49 -22.48 5.40 -11.67
CA ARG B 49 -23.76 4.69 -11.65
C ARG B 49 -23.99 4.00 -10.31
N THR B 50 -22.91 3.64 -9.60
CA THR B 50 -23.09 2.89 -8.35
C THR B 50 -23.55 3.79 -7.21
N THR B 51 -23.29 5.10 -7.31
CA THR B 51 -23.71 6.05 -6.27
C THR B 51 -25.21 5.97 -6.01
N GLY B 52 -26.02 5.89 -7.08
CA GLY B 52 -27.47 5.80 -7.00
C GLY B 52 -28.01 4.41 -6.71
N GLU B 53 -27.13 3.41 -6.59
CA GLU B 53 -27.51 2.06 -6.29
C GLU B 53 -26.47 1.46 -5.34
N TRP B 54 -26.30 2.09 -4.20
CA TRP B 54 -25.12 1.80 -3.39
C TRP B 54 -25.33 0.53 -2.53
N PRO B 55 -24.41 -0.44 -2.58
CA PRO B 55 -24.53 -1.59 -1.67
C PRO B 55 -23.69 -1.43 -0.40
N ASP B 56 -24.34 -1.74 0.73
CA ASP B 56 -23.75 -1.54 2.05
C ASP B 56 -22.34 -2.11 2.15
N ASP B 57 -22.16 -3.35 1.69
CA ASP B 57 -20.87 -4.03 1.80
C ASP B 57 -20.04 -3.94 0.53
N LEU B 58 -20.44 -3.06 -0.40
CA LEU B 58 -19.81 -2.82 -1.69
C LEU B 58 -19.96 -3.99 -2.66
N THR B 59 -20.61 -5.08 -2.25
CA THR B 59 -20.74 -6.25 -3.12
C THR B 59 -21.61 -5.93 -4.33
N GLY B 60 -21.12 -6.27 -5.52
CA GLY B 60 -21.83 -5.96 -6.74
C GLY B 60 -21.68 -4.54 -7.23
N ALA B 61 -20.92 -3.70 -6.52
CA ALA B 61 -20.62 -2.36 -7.01
C ALA B 61 -19.65 -2.42 -8.18
N ASN B 62 -19.63 -1.35 -8.97
CA ASN B 62 -18.70 -1.22 -10.08
C ASN B 62 -17.69 -0.12 -9.80
N LEU B 63 -16.43 -0.46 -9.94
CA LEU B 63 -15.32 0.47 -9.84
C LEU B 63 -14.69 0.64 -11.22
N LEU B 64 -13.99 1.72 -11.40
CA LEU B 64 -13.30 1.96 -12.65
C LEU B 64 -11.87 2.35 -12.36
N GLY B 65 -10.97 1.92 -13.24
CA GLY B 65 -9.58 2.25 -13.15
C GLY B 65 -9.03 2.32 -14.57
N HIS B 66 -7.75 2.68 -14.66
CA HIS B 66 -7.05 2.59 -15.92
C HIS B 66 -5.58 2.41 -15.61
N MET B 67 -4.87 1.92 -16.61
CA MET B 67 -3.43 1.71 -16.57
C MET B 67 -2.85 2.00 -17.94
N ASN B 68 -1.54 1.89 -18.05
CA ASN B 68 -0.86 2.09 -19.32
C ASN B 68 -1.06 0.85 -20.18
N ARG B 69 -1.41 1.03 -21.47
CA ARG B 69 -1.57 -0.16 -22.30
C ARG B 69 -0.24 -0.82 -22.62
N ALA B 70 0.90 -0.13 -22.41
CA ALA B 70 2.19 -0.79 -22.55
C ALA B 70 2.52 -1.68 -21.37
N ASN B 71 1.74 -1.62 -20.33
CA ASN B 71 2.09 -2.34 -19.13
C ASN B 71 1.70 -3.81 -19.33
N PRO B 72 2.61 -4.77 -19.07
CA PRO B 72 2.28 -6.19 -19.34
C PRO B 72 1.02 -6.66 -18.63
N GLN B 73 0.69 -6.09 -17.46
CA GLN B 73 -0.54 -6.48 -16.79
C GLN B 73 -1.78 -6.20 -17.65
N TRP B 74 -1.73 -5.22 -18.55
CA TRP B 74 -2.89 -4.90 -19.39
C TRP B 74 -3.25 -6.06 -20.32
N GLN B 75 -2.25 -6.70 -20.93
CA GLN B 75 -2.50 -7.82 -21.83
C GLN B 75 -3.19 -8.98 -21.11
N GLU B 76 -2.96 -9.13 -19.81
CA GLU B 76 -3.52 -10.23 -19.01
C GLU B 76 -4.90 -9.93 -18.41
N LEU B 77 -5.38 -8.69 -18.52
CA LEU B 77 -6.66 -8.28 -17.93
C LEU B 77 -7.80 -8.77 -18.82
N GLU B 78 -7.91 -10.09 -18.93
CA GLU B 78 -9.00 -10.66 -19.69
C GLU B 78 -10.31 -10.42 -18.96
N THR B 79 -11.34 -10.07 -19.72
CA THR B 79 -12.67 -9.93 -19.13
C THR B 79 -13.08 -11.24 -18.49
N GLY B 80 -13.59 -11.17 -17.26
CA GLY B 80 -13.89 -12.36 -16.49
C GLY B 80 -12.80 -12.82 -15.55
N LYS B 81 -11.62 -12.21 -15.58
CA LYS B 81 -10.56 -12.60 -14.66
C LYS B 81 -10.83 -12.01 -13.29
N VAL B 82 -10.43 -12.72 -12.25
CA VAL B 82 -10.58 -12.16 -10.91
C VAL B 82 -9.41 -11.22 -10.63
N ILE B 83 -9.70 -10.17 -9.88
CA ILE B 83 -8.71 -9.14 -9.59
C ILE B 83 -8.83 -8.79 -8.12
N LEU B 84 -7.72 -8.35 -7.53
CA LEU B 84 -7.69 -7.81 -6.18
C LEU B 84 -7.28 -6.34 -6.29
N LEU B 85 -8.02 -5.46 -5.62
CA LEU B 85 -7.62 -4.07 -5.43
C LEU B 85 -7.42 -3.80 -3.95
N ALA B 86 -6.21 -3.42 -3.60
CA ALA B 86 -5.80 -3.22 -2.21
C ALA B 86 -5.62 -1.73 -1.98
N PHE B 87 -6.42 -1.16 -1.07
CA PHE B 87 -6.35 0.23 -0.67
C PHE B 87 -5.81 0.31 0.75
N THR B 88 -4.88 1.22 1.01
CA THR B 88 -4.29 1.41 2.34
C THR B 88 -4.52 2.84 2.79
N GLY B 89 -4.79 3.01 4.09
CA GLY B 89 -4.98 4.31 4.70
C GLY B 89 -3.92 4.59 5.73
N PRO B 90 -4.26 5.37 6.76
CA PRO B 90 -3.27 5.71 7.80
C PRO B 90 -2.76 4.47 8.52
N HIS B 91 -1.56 4.61 9.09
CA HIS B 91 -0.88 3.53 9.80
C HIS B 91 0.25 4.13 10.63
N ALA B 92 0.65 3.39 11.67
CA ALA B 92 1.77 3.83 12.52
C ALA B 92 2.22 2.67 13.39
N TYR B 93 3.54 2.55 13.55
CA TYR B 93 4.16 1.62 14.48
C TYR B 93 3.75 1.94 15.91
N VAL B 94 3.48 0.91 16.69
CA VAL B 94 3.06 1.06 18.08
C VAL B 94 4.17 0.53 18.97
N SER B 95 4.81 1.43 19.72
CA SER B 95 5.80 0.99 20.70
C SER B 95 5.10 0.46 21.94
N PRO B 96 5.51 -0.69 22.48
CA PRO B 96 4.95 -1.15 23.76
C PRO B 96 5.18 -0.19 24.89
N ALA B 97 6.13 0.75 24.74
CA ALA B 97 6.34 1.75 25.77
C ALA B 97 5.11 2.63 26.02
N LEU B 98 4.21 2.76 25.05
CA LEU B 98 2.97 3.50 25.27
C LEU B 98 1.92 2.69 26.01
N TYR B 99 2.08 1.37 26.12
CA TYR B 99 1.05 0.55 26.76
C TYR B 99 1.03 0.76 28.27
N GLY B 100 2.21 0.89 28.88
CA GLY B 100 2.31 0.81 30.33
C GLY B 100 1.95 -0.53 30.90
N VAL B 101 2.16 -1.61 30.13
CA VAL B 101 1.80 -2.96 30.52
C VAL B 101 2.94 -3.90 30.16
N THR B 102 3.24 -4.83 31.06
CA THR B 102 4.20 -5.87 30.79
C THR B 102 3.54 -7.20 31.15
N PRO B 103 3.76 -8.25 30.35
CA PRO B 103 4.56 -8.19 29.14
C PRO B 103 3.75 -7.69 27.97
N ALA B 104 4.42 -7.45 26.85
CA ALA B 104 3.75 -6.95 25.67
C ALA B 104 4.67 -7.20 24.47
N ALA B 105 4.10 -6.98 23.30
CA ALA B 105 4.86 -7.03 22.05
C ALA B 105 4.54 -5.79 21.24
N PRO B 106 5.46 -5.31 20.42
CA PRO B 106 5.12 -4.21 19.50
C PRO B 106 4.18 -4.70 18.41
N THR B 107 3.62 -3.73 17.70
CA THR B 107 2.75 -4.05 16.58
C THR B 107 2.70 -2.83 15.69
N TRP B 108 2.01 -2.96 14.57
CA TRP B 108 1.83 -1.85 13.64
C TRP B 108 0.33 -1.68 13.45
N ASN B 109 -0.18 -0.51 13.81
CA ASN B 109 -1.59 -0.23 13.53
C ASN B 109 -1.69 0.26 12.10
N PHE B 110 -2.66 -0.25 11.37
CA PHE B 110 -2.79 0.10 9.97
C PHE B 110 -4.19 -0.19 9.50
N THR B 111 -4.49 0.35 8.34
CA THR B 111 -5.81 0.25 7.74
C THR B 111 -5.67 -0.14 6.28
N SER B 112 -6.52 -1.06 5.85
CA SER B 112 -6.46 -1.62 4.52
C SER B 112 -7.84 -2.11 4.13
N VAL B 113 -8.19 -1.91 2.87
CA VAL B 113 -9.39 -2.52 2.29
C VAL B 113 -8.97 -3.34 1.09
N HIS B 114 -9.33 -4.63 1.10
CA HIS B 114 -9.13 -5.51 -0.06
C HIS B 114 -10.47 -5.73 -0.74
N VAL B 115 -10.54 -5.36 -2.00
CA VAL B 115 -11.71 -5.54 -2.85
C VAL B 115 -11.38 -6.61 -3.88
N ARG B 116 -12.24 -7.62 -4.00
CA ARG B 116 -12.11 -8.60 -5.06
C ARG B 116 -13.31 -8.51 -6.01
N GLY B 117 -13.06 -8.79 -7.28
CA GLY B 117 -14.11 -8.78 -8.28
C GLY B 117 -13.63 -9.33 -9.61
N VAL B 118 -14.47 -9.17 -10.63
CA VAL B 118 -14.18 -9.64 -11.98
C VAL B 118 -13.91 -8.44 -12.88
N VAL B 119 -12.85 -8.52 -13.67
CA VAL B 119 -12.45 -7.45 -14.57
C VAL B 119 -13.29 -7.51 -15.83
N GLU B 120 -13.63 -6.33 -16.36
CA GLU B 120 -14.16 -6.17 -17.71
C GLU B 120 -13.33 -5.07 -18.36
N LYS B 121 -12.63 -5.41 -19.44
CA LYS B 121 -11.85 -4.41 -20.18
C LYS B 121 -12.79 -3.44 -20.88
N ILE B 122 -12.45 -2.16 -20.83
CA ILE B 122 -13.16 -1.13 -21.58
C ILE B 122 -12.32 -0.78 -22.82
N GLU B 123 -12.90 -0.93 -24.00
CA GLU B 123 -12.18 -0.66 -25.24
C GLU B 123 -12.66 0.58 -25.98
N SER B 124 -13.91 0.98 -25.77
CA SER B 124 -14.48 2.12 -26.47
C SER B 124 -13.73 3.41 -26.16
N LEU B 125 -13.51 4.22 -27.19
CA LEU B 125 -12.76 5.46 -26.99
C LEU B 125 -13.54 6.44 -26.12
N GLU B 126 -14.85 6.54 -26.31
CA GLU B 126 -15.65 7.46 -25.52
C GLU B 126 -15.75 6.99 -24.08
N GLU B 127 -16.04 5.69 -23.87
CA GLU B 127 -16.15 5.15 -22.52
C GLU B 127 -14.82 5.24 -21.78
N THR B 128 -13.72 5.03 -22.49
CA THR B 128 -12.41 5.23 -21.88
C THR B 128 -12.24 6.68 -21.45
N LEU B 129 -12.69 7.61 -22.29
CA LEU B 129 -12.62 9.02 -21.93
C LEU B 129 -13.51 9.32 -20.72
N ASP B 130 -14.70 8.71 -20.67
CA ASP B 130 -15.56 8.86 -19.49
C ASP B 130 -14.82 8.43 -18.22
N VAL B 131 -14.05 7.34 -18.29
CA VAL B 131 -13.34 6.88 -17.10
C VAL B 131 -12.31 7.91 -16.65
N VAL B 132 -11.44 8.34 -17.57
CA VAL B 132 -10.36 9.23 -17.12
C VAL B 132 -10.91 10.58 -16.72
N ARG B 133 -11.94 11.08 -17.41
CA ARG B 133 -12.47 12.37 -17.02
C ARG B 133 -13.19 12.32 -15.68
N ALA B 134 -13.91 11.21 -15.40
CA ALA B 134 -14.53 11.08 -14.08
C ALA B 134 -13.49 10.93 -12.98
N THR B 135 -12.39 10.24 -13.28
CA THR B 135 -11.31 10.12 -12.31
C THR B 135 -10.66 11.49 -12.05
N ALA B 136 -10.35 12.21 -13.13
CA ALA B 136 -9.77 13.55 -13.00
C ALA B 136 -10.70 14.49 -12.24
N GLY B 137 -11.98 14.49 -12.57
CA GLY B 137 -12.89 15.39 -11.90
C GLY B 137 -13.10 15.05 -10.44
N SER B 138 -13.23 13.76 -10.13
CA SER B 138 -13.45 13.37 -8.75
C SER B 138 -12.22 13.68 -7.89
N PHE B 139 -11.03 13.30 -8.38
CA PHE B 139 -9.82 13.55 -7.59
C PHE B 139 -9.55 15.04 -7.44
N GLU B 140 -9.74 15.82 -8.49
CA GLU B 140 -9.47 17.25 -8.36
C GLU B 140 -10.40 17.88 -7.34
N ALA B 141 -11.67 17.49 -7.33
CA ALA B 141 -12.61 18.06 -6.36
C ALA B 141 -12.26 17.66 -4.94
N ARG B 142 -11.86 16.40 -4.72
CA ARG B 142 -11.57 15.92 -3.37
C ARG B 142 -10.23 16.43 -2.86
N PHE B 143 -9.20 16.38 -3.70
CA PHE B 143 -7.82 16.56 -3.26
C PHE B 143 -7.12 17.78 -3.86
N GLY B 144 -7.73 18.46 -4.82
CA GLY B 144 -7.05 19.42 -5.68
C GLY B 144 -7.25 20.85 -5.25
N ASP B 145 -7.34 21.74 -6.24
CA ASP B 145 -7.34 23.18 -6.00
C ASP B 145 -8.15 23.88 -7.10
N ASP B 146 -9.38 23.44 -7.32
CA ASP B 146 -10.35 24.12 -8.18
C ASP B 146 -9.80 24.30 -9.60
N TRP B 147 -9.11 23.27 -10.10
CA TRP B 147 -8.61 23.33 -11.47
C TRP B 147 -9.71 22.94 -12.44
N ASP B 148 -9.77 23.65 -13.57
CA ASP B 148 -10.86 23.51 -14.53
C ASP B 148 -10.37 22.70 -15.72
N PRO B 149 -10.88 21.48 -15.94
CA PRO B 149 -10.38 20.66 -17.05
C PRO B 149 -10.82 21.13 -18.43
N SER B 150 -11.75 22.11 -18.52
CA SER B 150 -12.44 22.40 -19.78
C SER B 150 -11.47 22.66 -20.92
N ASP B 151 -10.39 23.38 -20.68
CA ASP B 151 -9.44 23.64 -21.77
C ASP B 151 -8.57 22.43 -22.10
N SER B 152 -8.65 21.35 -21.34
CA SER B 152 -7.81 20.18 -21.59
C SER B 152 -8.61 18.97 -22.05
N ILE B 153 -9.92 19.09 -22.28
CA ILE B 153 -10.68 17.92 -22.74
C ILE B 153 -10.17 17.43 -24.07
N ASP B 154 -9.85 18.36 -24.99
CA ASP B 154 -9.28 17.93 -26.26
C ASP B 154 -7.91 17.32 -26.06
N TYR B 155 -7.17 17.82 -25.07
CA TYR B 155 -5.90 17.22 -24.73
C TYR B 155 -6.08 15.78 -24.26
N PHE B 156 -7.09 15.54 -23.41
CA PHE B 156 -7.37 14.18 -22.95
C PHE B 156 -7.62 13.24 -24.12
N ARG B 157 -8.44 13.70 -25.08
CA ARG B 157 -8.76 12.88 -26.25
C ARG B 157 -7.52 12.56 -27.07
N LYS B 158 -6.57 13.48 -27.14
CA LYS B 158 -5.32 13.22 -27.85
C LYS B 158 -4.57 12.05 -27.24
N ILE B 159 -4.53 11.97 -25.90
CA ILE B 159 -3.72 10.93 -25.24
C ILE B 159 -4.54 9.71 -24.83
N VAL B 160 -5.87 9.74 -24.99
CA VAL B 160 -6.72 8.67 -24.50
C VAL B 160 -6.50 7.33 -25.23
N PRO B 161 -5.98 7.29 -26.47
CA PRO B 161 -5.65 5.98 -27.06
C PRO B 161 -4.65 5.17 -26.26
N GLY B 162 -3.81 5.80 -25.44
CA GLY B 162 -2.86 5.10 -24.59
C GLY B 162 -3.44 4.51 -23.32
N VAL B 163 -4.67 4.88 -22.98
CA VAL B 163 -5.30 4.47 -21.74
C VAL B 163 -5.84 3.05 -21.86
N GLY B 164 -5.49 2.19 -20.90
CA GLY B 164 -6.19 0.94 -20.77
C GLY B 164 -7.19 1.00 -19.63
N ALA B 165 -8.45 1.24 -19.95
CA ALA B 165 -9.49 1.39 -18.94
C ALA B 165 -10.18 0.05 -18.67
N PHE B 166 -10.70 -0.10 -17.44
CA PHE B 166 -11.35 -1.35 -17.09
C PHE B 166 -12.37 -1.10 -15.98
N ARG B 167 -13.33 -2.01 -15.88
CA ARG B 167 -14.35 -1.99 -14.84
C ARG B 167 -14.16 -3.23 -13.97
N VAL B 168 -14.36 -3.05 -12.67
CA VAL B 168 -14.33 -4.17 -11.72
C VAL B 168 -15.71 -4.26 -11.10
N THR B 169 -16.35 -5.43 -11.25
CA THR B 169 -17.57 -5.72 -10.51
C THR B 169 -17.19 -6.46 -9.23
N VAL B 170 -17.56 -5.89 -8.08
CA VAL B 170 -17.03 -6.33 -6.81
C VAL B 170 -17.75 -7.61 -6.39
N THR B 171 -16.96 -8.63 -6.01
CA THR B 171 -17.52 -9.85 -5.46
C THR B 171 -17.41 -9.89 -3.94
N SER B 172 -16.40 -9.26 -3.36
CA SER B 172 -16.33 -9.08 -1.92
C SER B 172 -15.40 -7.91 -1.60
N ALA B 173 -15.63 -7.31 -0.44
CA ALA B 173 -14.75 -6.27 0.09
C ALA B 173 -14.63 -6.48 1.59
N HIS B 174 -13.40 -6.40 2.11
CA HIS B 174 -13.15 -6.59 3.52
C HIS B 174 -12.16 -5.54 4.01
N GLY B 175 -12.39 -5.04 5.22
CA GLY B 175 -11.51 -4.06 5.83
C GLY B 175 -10.68 -4.70 6.95
N MET B 176 -9.41 -4.31 7.02
CA MET B 176 -8.52 -4.59 8.14
C MET B 176 -8.29 -3.22 8.79
N PHE B 177 -8.91 -2.99 9.94
CA PHE B 177 -8.75 -1.74 10.69
C PHE B 177 -8.08 -2.12 12.01
N LYS B 178 -6.77 -2.22 11.95
CA LYS B 178 -5.96 -2.71 13.07
C LYS B 178 -5.59 -1.50 13.90
N LEU B 179 -6.37 -1.24 14.94
CA LEU B 179 -6.28 -0.02 15.71
C LEU B 179 -6.37 -0.32 17.20
N SER B 180 -5.59 -1.30 17.65
CA SER B 180 -5.42 -1.63 19.08
C SER B 180 -6.70 -2.09 19.74
N GLN B 181 -7.68 -2.59 18.97
CA GLN B 181 -8.92 -3.06 19.58
C GLN B 181 -8.69 -4.21 20.55
N GLU B 182 -7.57 -4.93 20.43
CA GLU B 182 -7.20 -5.99 21.37
C GLU B 182 -6.79 -5.46 22.73
N GLN B 183 -6.50 -4.16 22.86
CA GLN B 183 -6.00 -3.65 24.13
C GLN B 183 -7.13 -3.12 25.00
N PRO B 184 -6.91 -3.04 26.31
CA PRO B 184 -7.91 -2.42 27.18
C PRO B 184 -8.07 -0.94 26.86
N ALA B 185 -9.21 -0.39 27.24
CA ALA B 185 -9.54 0.98 26.89
C ALA B 185 -8.46 1.95 27.34
N GLU B 186 -7.98 1.78 28.58
CA GLU B 186 -6.94 2.65 29.11
C GLU B 186 -5.69 2.59 28.25
N VAL B 187 -5.37 1.41 27.71
CA VAL B 187 -4.19 1.28 26.88
C VAL B 187 -4.37 1.96 25.53
N ARG B 188 -5.56 1.81 24.91
CA ARG B 188 -5.77 2.48 23.63
C ARG B 188 -5.73 3.99 23.77
N ASP B 189 -6.30 4.51 24.86
CA ASP B 189 -6.24 5.95 25.10
C ASP B 189 -4.81 6.45 25.16
N ARG B 190 -3.89 5.65 25.70
CA ARG B 190 -2.51 6.12 25.84
C ARG B 190 -1.83 6.17 24.47
N VAL B 191 -2.04 5.14 23.66
CA VAL B 191 -1.51 5.17 22.29
C VAL B 191 -2.13 6.33 21.52
N GLN B 192 -3.46 6.49 21.62
CA GLN B 192 -4.16 7.52 20.85
C GLN B 192 -3.69 8.92 21.20
N LYS B 193 -3.57 9.18 22.51
CA LYS B 193 -2.96 10.38 23.03
C LYS B 193 -1.53 10.60 22.51
N SER B 194 -0.68 9.56 22.55
CA SER B 194 0.68 9.71 22.00
C SER B 194 0.63 9.99 20.50
N PHE B 195 -0.30 9.36 19.77
CA PHE B 195 -0.38 9.57 18.33
C PHE B 195 -0.91 10.95 17.97
N SER B 196 -1.77 11.55 18.81
CA SER B 196 -2.29 12.88 18.51
C SER B 196 -1.20 13.93 18.65
N GLY B 197 -0.33 13.79 19.65
CA GLY B 197 0.69 14.76 19.92
C GLY B 197 1.87 14.74 18.96
N ARG B 198 1.94 13.74 18.07
CA ARG B 198 3.06 13.69 17.14
C ARG B 198 3.07 14.88 16.19
N GLY B 199 1.90 15.28 15.71
CA GLY B 199 1.78 16.32 14.71
C GLY B 199 2.00 15.83 13.30
N CYS B 200 2.63 14.67 13.12
CA CYS B 200 2.70 14.03 11.82
C CYS B 200 1.30 13.51 11.50
N SER B 201 0.75 13.97 10.38
CA SER B 201 -0.67 13.78 10.12
C SER B 201 -1.04 12.30 10.10
N ARG B 202 -0.19 11.46 9.49
CA ARG B 202 -0.46 10.04 9.45
C ARG B 202 -0.69 9.45 10.85
N HIS B 203 0.11 9.89 11.84
CA HIS B 203 -0.13 9.47 13.22
C HIS B 203 -1.44 10.05 13.77
N ARG B 204 -1.70 11.33 13.47
CA ARG B 204 -2.94 11.95 13.91
C ARG B 204 -4.16 11.26 13.31
N GLU B 205 -4.12 10.97 12.00
CA GLU B 205 -5.21 10.23 11.36
C GLU B 205 -5.44 8.88 12.04
N THR B 206 -4.36 8.13 12.28
CA THR B 206 -4.49 6.83 12.96
C THR B 206 -5.13 7.00 14.32
N ALA B 207 -4.74 8.04 15.05
CA ALA B 207 -5.33 8.30 16.35
C ALA B 207 -6.82 8.60 16.23
N GLU B 208 -7.20 9.39 15.21
CA GLU B 208 -8.61 9.72 15.05
C GLU B 208 -9.43 8.46 14.76
N LEU B 209 -8.91 7.56 13.94
CA LEU B 209 -9.65 6.34 13.68
C LEU B 209 -9.73 5.48 14.92
N MET B 210 -8.63 5.33 15.68
CA MET B 210 -8.72 4.52 16.89
C MET B 210 -9.76 5.06 17.87
N GLY B 211 -9.93 6.37 17.93
CA GLY B 211 -10.94 6.94 18.81
C GLY B 211 -12.37 6.67 18.42
N ARG B 212 -12.62 6.36 17.14
CA ARG B 212 -13.98 6.11 16.66
C ARG B 212 -14.36 4.63 16.63
N VAL B 213 -13.51 3.72 17.09
CA VAL B 213 -13.85 2.31 17.17
C VAL B 213 -14.47 2.05 18.54
N PRO B 214 -15.69 1.54 18.61
CA PRO B 214 -16.30 1.27 19.91
C PRO B 214 -15.54 0.16 20.60
N GLN B 215 -15.71 0.10 21.92
CA GLN B 215 -15.14 -1.00 22.69
C GLN B 215 -15.54 -2.33 22.09
N THR B 216 -14.55 -3.13 21.70
CA THR B 216 -14.79 -4.44 21.10
C THR B 216 -15.40 -5.42 22.12
N HIS B 221 -6.68 -13.12 21.18
CA HIS B 221 -6.15 -11.77 21.30
C HIS B 221 -4.82 -11.62 20.57
N HIS B 222 -4.75 -10.65 19.67
CA HIS B 222 -3.57 -10.43 18.82
C HIS B 222 -2.34 -10.18 19.68
N HIS B 223 -1.27 -10.90 19.36
CA HIS B 223 -0.01 -10.77 20.07
C HIS B 223 -0.18 -11.06 21.54
CHA HEM C . 0.93 -11.89 13.40
CHB HEM C . 3.13 -7.59 12.99
CHC HEM C . 6.45 -8.78 16.33
CHD HEM C . 3.83 -12.74 17.22
C1A HEM C . 1.22 -10.62 12.96
C2A HEM C . 0.55 -9.87 11.92
C3A HEM C . 1.15 -8.67 11.80
C4A HEM C . 2.24 -8.62 12.77
CMA HEM C . 0.77 -7.55 10.80
CAA HEM C . -0.65 -10.39 11.10
CBA HEM C . -0.20 -11.32 9.99
CGA HEM C . -1.42 -11.82 9.24
O1A HEM C . -2.32 -11.01 8.92
O2A HEM C . -1.46 -13.05 8.95
C1B HEM C . 4.20 -7.56 13.86
C2B HEM C . 5.09 -6.42 14.02
C3B HEM C . 6.02 -6.77 14.94
C4B HEM C . 5.72 -8.12 15.39
CMB HEM C . 4.99 -5.07 13.25
CAB HEM C . 7.21 -5.97 15.53
CBB HEM C . 7.42 -4.67 15.40
C1C HEM C . 6.03 -9.95 16.91
C2C HEM C . 6.62 -10.63 18.04
C3C HEM C . 5.92 -11.74 18.29
C4C HEM C . 4.83 -11.78 17.32
CMC HEM C . 7.87 -10.12 18.77
CAC HEM C . 6.24 -12.75 19.43
CBC HEM C . 6.00 -14.04 19.21
C1D HEM C . 2.84 -12.82 16.28
C2D HEM C . 1.86 -13.88 16.21
C3D HEM C . 1.05 -13.66 15.17
C4D HEM C . 1.50 -12.45 14.51
CMD HEM C . 1.74 -15.07 17.20
CAD HEM C . -0.13 -14.56 14.71
CBD HEM C . -1.35 -14.48 15.61
CGD HEM C . -1.65 -13.06 15.95
O1D HEM C . -1.66 -12.22 15.01
O2D HEM C . -1.91 -12.77 17.14
NA HEM C . 2.24 -9.83 13.45
NB HEM C . 4.61 -8.60 14.72
NC HEM C . 4.94 -10.67 16.50
ND HEM C . 2.60 -11.94 15.19
FE HEM C . 3.72 -10.40 14.85
C1 GOL D . 23.25 2.60 -5.54
O1 GOL D . 23.36 3.59 -4.53
C2 GOL D . 23.62 3.18 -6.90
O2 GOL D . 25.01 3.43 -6.97
C3 GOL D . 23.21 2.23 -8.01
O3 GOL D . 23.60 2.79 -9.24
CHA HEM E . -1.66 5.85 -17.04
CHB HEM E . -2.71 8.03 -12.84
CHC HEM E . -6.02 10.81 -15.09
CHD HEM E . -4.30 9.22 -19.37
C1A HEM E . -1.63 6.17 -15.69
C2A HEM E . -0.79 5.59 -14.66
C3A HEM E . -1.09 6.19 -13.50
C4A HEM E . -2.12 7.19 -13.76
CMA HEM E . -0.47 5.93 -12.12
CAA HEM E . 0.25 4.46 -14.86
CBA HEM E . -0.53 3.15 -14.86
CGA HEM E . 0.42 1.97 -14.99
O1A HEM E . 1.48 1.94 -14.30
O2A HEM E . 0.09 1.06 -15.79
C1B HEM E . -3.70 8.95 -13.06
C2B HEM E . -4.35 9.75 -12.05
C3B HEM E . -5.26 10.51 -12.64
C4B HEM E . -5.25 10.24 -14.07
CMB HEM E . -4.06 9.76 -10.52
CAB HEM E . -6.10 11.48 -11.79
CBB HEM E . -6.93 12.31 -12.35
C1C HEM E . -5.81 10.68 -16.46
C2C HEM E . -6.43 11.49 -17.50
C3C HEM E . -5.98 11.05 -18.70
C4C HEM E . -5.03 9.96 -18.46
CMC HEM E . -7.45 12.62 -17.23
CAC HEM E . -6.39 11.64 -20.08
CBC HEM E . -6.56 10.83 -21.12
C1D HEM E . -3.40 8.19 -19.13
C2D HEM E . -2.53 7.52 -20.12
C3D HEM E . -1.81 6.60 -19.45
C4D HEM E . -2.17 6.65 -18.05
CMD HEM E . -2.47 7.83 -21.64
CAD HEM E . -0.78 5.60 -20.02
CBD HEM E . 0.44 6.24 -20.65
CGD HEM E . 1.03 7.26 -19.73
O1D HEM E . 1.10 8.43 -20.16
O2D HEM E . 1.41 6.91 -18.58
NA HEM E . -2.42 7.12 -15.10
NB HEM E . -4.28 9.27 -14.28
NC HEM E . -4.98 9.78 -17.09
ND HEM E . -3.13 7.63 -17.88
FE HEM E . -3.80 8.38 -16.11
#